data_5GZ2
#
_entry.id   5GZ2
#
_cell.length_a   74.154
_cell.length_b   74.154
_cell.length_c   95.622
_cell.angle_alpha   90.00
_cell.angle_beta   90.00
_cell.angle_gamma   90.00
#
_symmetry.space_group_name_H-M   'P 41'
#
loop_
_entity.id
_entity.type
_entity.pdbx_description
1 polymer 'Luciferin 4-monooxygenase'
2 non-polymer '(4S)-2-[6-(azepan-1-yl)-1,3-benzothiazol-2-yl]-4,5-dihydro-1,3-thiazole-4-carboxylic acid'
3 water water
#
_entity_poly.entity_id   1
_entity_poly.type   'polypeptide(L)'
_entity_poly.pdbx_seq_one_letter_code
;DAKNIKKGPAPFYPLEDGTAGEQLHKAMKRYALVPGTIAFTDAHIEVNITYAEYFEMSVRLAEAMKRYGLNTNHRIVVCS
ENSLQFFMPVLGALFIGVAVAPANDIYNERELLNSMNISQPTVVFVSKKGLQKILNVQKKLPIIQKIIIMDSKTDYQGFQ
SMYTFVTSHLPPGFNEYDFVPESFDRDKTIALIMNSSGSTGLPKGVALPHRTACVRFSHARDPIFGNQIIPDTAILSVVP
FHHGFGMFTTLGYLICGFRVVLMYRFEEELFLRSLQDYKIQSALLVPTLFSFFAKSTLIDKYDLSNLHEIASGGAPLSKE
VGEAVAKRFHLPGIRQGYGLTETTSAILITPEGDDKPGAVGKVVPFFEAKVVDLDTGKTLGVNQRGELCVRGPMIMSGYV
NNPEATNALIDKDGWLHSGDIAYWDEDEHFFIVDRL
;
_entity_poly.pdbx_strand_id   A
#
# COMPACT_ATOMS: atom_id res chain seq x y z
CA ASP A 1 24.28 21.72 -8.02
C ASP A 1 24.00 20.21 -8.17
N ALA A 2 24.45 19.62 -9.29
CA ALA A 2 24.11 18.24 -9.64
C ALA A 2 24.99 17.16 -8.98
N LYS A 3 26.13 17.54 -8.40
CA LYS A 3 26.78 16.61 -7.48
C LYS A 3 25.98 16.44 -6.20
N ASN A 4 25.05 17.37 -5.95
CA ASN A 4 24.25 17.42 -4.73
C ASN A 4 22.82 16.96 -4.95
N ILE A 5 22.54 16.30 -6.06
CA ILE A 5 21.23 15.76 -6.34
C ILE A 5 21.37 14.24 -6.42
N LYS A 6 20.68 13.57 -5.52
CA LYS A 6 20.88 12.18 -5.33
C LYS A 6 19.92 11.41 -6.20
N LYS A 7 20.45 10.47 -6.95
CA LYS A 7 19.69 9.81 -7.98
C LYS A 7 19.54 8.34 -7.72
N GLY A 8 18.36 7.85 -8.03
CA GLY A 8 18.07 6.45 -7.87
C GLY A 8 18.85 5.73 -8.93
N PRO A 9 19.48 4.65 -8.52
CA PRO A 9 20.20 3.78 -9.44
C PRO A 9 19.24 3.16 -10.42
N ALA A 10 19.74 2.14 -11.06
CA ALA A 10 18.96 1.47 -12.07
C ALA A 10 18.18 0.31 -11.49
N PRO A 11 16.94 0.15 -11.92
CA PRO A 11 16.11 -0.97 -11.47
C PRO A 11 16.72 -2.26 -11.99
N PHE A 12 16.69 -3.31 -11.17
CA PHE A 12 17.33 -4.53 -11.63
C PHE A 12 16.58 -5.16 -12.81
N TYR A 13 15.24 -5.06 -12.82
CA TYR A 13 14.50 -5.31 -14.05
C TYR A 13 13.84 -4.02 -14.53
N PRO A 14 13.75 -3.81 -15.85
CA PRO A 14 13.10 -2.61 -16.36
C PRO A 14 11.61 -2.54 -16.03
N LEU A 15 10.96 -1.47 -16.50
CA LEU A 15 9.60 -1.15 -16.08
C LEU A 15 8.61 -1.79 -17.05
N GLU A 16 7.86 -2.78 -16.55
CA GLU A 16 6.87 -3.48 -17.36
C GLU A 16 5.91 -2.51 -18.03
N ASP A 17 5.47 -2.87 -19.23
CA ASP A 17 4.39 -2.13 -19.86
C ASP A 17 3.07 -2.57 -19.24
N GLY A 18 2.00 -1.88 -19.62
CA GLY A 18 0.68 -2.23 -19.14
C GLY A 18 0.29 -1.52 -17.87
N THR A 19 -1.01 -1.57 -17.59
CA THR A 19 -1.57 -0.95 -16.41
C THR A 19 -1.21 -1.76 -15.19
N ALA A 20 -1.43 -1.15 -14.02
CA ALA A 20 -1.18 -1.89 -12.78
C ALA A 20 -2.10 -3.10 -12.69
N GLY A 21 -3.33 -2.97 -13.20
CA GLY A 21 -4.25 -4.09 -13.23
C GLY A 21 -3.78 -5.21 -14.14
N GLU A 22 -3.22 -4.86 -15.30
CA GLU A 22 -2.67 -5.89 -16.19
C GLU A 22 -1.49 -6.59 -15.55
N GLN A 23 -0.63 -5.84 -14.86
CA GLN A 23 0.52 -6.49 -14.26
C GLN A 23 0.12 -7.39 -13.10
N LEU A 24 -0.81 -6.93 -12.26
CA LEU A 24 -1.35 -7.78 -11.19
C LEU A 24 -2.02 -9.03 -11.76
N HIS A 25 -2.87 -8.83 -12.77
CA HIS A 25 -3.56 -9.96 -13.39
C HIS A 25 -2.56 -11.03 -13.81
N LYS A 26 -1.48 -10.64 -14.46
CA LYS A 26 -0.60 -11.61 -15.08
C LYS A 26 0.14 -12.44 -14.03
N ALA A 27 0.61 -11.79 -12.96
CA ALA A 27 1.34 -12.51 -11.92
C ALA A 27 0.40 -13.43 -11.16
N MET A 28 -0.76 -12.90 -10.78
CA MET A 28 -1.68 -13.67 -9.97
C MET A 28 -2.26 -14.85 -10.76
N LYS A 29 -2.51 -14.68 -12.06
CA LYS A 29 -2.89 -15.83 -12.88
C LYS A 29 -1.84 -16.93 -12.77
N ARG A 30 -0.57 -16.56 -12.88
CA ARG A 30 0.53 -17.51 -12.79
C ARG A 30 0.51 -18.27 -11.47
N TYR A 31 0.35 -17.55 -10.35
CA TYR A 31 0.30 -18.18 -9.04
C TYR A 31 -0.98 -19.00 -8.89
N ALA A 32 -2.08 -18.52 -9.44
CA ALA A 32 -3.35 -19.25 -9.40
C ALA A 32 -3.22 -20.65 -9.96
N LEU A 33 -2.33 -20.86 -10.92
CA LEU A 33 -2.30 -22.16 -11.59
C LEU A 33 -1.53 -23.20 -10.81
N VAL A 34 -0.80 -22.81 -9.77
CA VAL A 34 -0.13 -23.78 -8.90
C VAL A 34 -0.97 -23.93 -7.64
N PRO A 35 -1.61 -25.07 -7.42
CA PRO A 35 -2.58 -25.18 -6.33
C PRO A 35 -1.91 -25.10 -4.97
N GLY A 36 -2.58 -24.41 -4.05
CA GLY A 36 -2.11 -24.32 -2.69
C GLY A 36 -1.24 -23.13 -2.40
N THR A 37 -0.98 -22.28 -3.39
CA THR A 37 -0.15 -21.09 -3.19
C THR A 37 -0.91 -20.10 -2.35
N ILE A 38 -0.44 -19.84 -1.14
CA ILE A 38 -1.20 -19.01 -0.22
C ILE A 38 -0.92 -17.54 -0.52
N ALA A 39 -2.00 -16.77 -0.65
CA ALA A 39 -1.97 -15.33 -0.86
C ALA A 39 -2.14 -14.58 0.44
N PHE A 40 -3.19 -14.89 1.21
CA PHE A 40 -3.41 -14.26 2.51
C PHE A 40 -3.71 -15.32 3.55
N THR A 41 -3.28 -15.03 4.78
CA THR A 41 -3.59 -15.83 5.95
C THR A 41 -4.12 -14.92 7.05
N ASP A 42 -5.25 -15.28 7.64
CA ASP A 42 -5.82 -14.50 8.74
C ASP A 42 -5.34 -15.07 10.06
N ALA A 43 -4.48 -14.34 10.77
CA ALA A 43 -3.89 -14.89 12.01
C ALA A 43 -4.93 -15.08 13.10
N HIS A 44 -5.92 -14.20 13.17
CA HIS A 44 -6.96 -14.36 14.18
C HIS A 44 -7.77 -15.63 13.95
N ILE A 45 -8.21 -15.88 12.72
CA ILE A 45 -9.13 -17.00 12.50
C ILE A 45 -8.45 -18.20 11.87
N GLU A 46 -7.19 -18.08 11.46
CA GLU A 46 -6.30 -19.12 11.01
C GLU A 46 -6.59 -19.59 9.59
N VAL A 47 -7.49 -18.92 8.84
CA VAL A 47 -7.90 -19.35 7.51
C VAL A 47 -6.89 -18.88 6.46
N ASN A 48 -6.58 -19.75 5.51
CA ASN A 48 -5.79 -19.39 4.33
C ASN A 48 -6.68 -19.26 3.10
N ILE A 49 -6.33 -18.32 2.22
CA ILE A 49 -6.93 -18.24 0.90
C ILE A 49 -5.81 -18.24 -0.14
N THR A 50 -5.98 -19.06 -1.17
CA THR A 50 -4.94 -19.30 -2.16
C THR A 50 -5.03 -18.26 -3.28
N TYR A 51 -3.97 -18.19 -4.07
CA TYR A 51 -3.97 -17.31 -5.24
C TYR A 51 -5.05 -17.73 -6.26
N ALA A 52 -5.25 -19.03 -6.43
CA ALA A 52 -6.35 -19.48 -7.29
C ALA A 52 -7.67 -18.88 -6.85
N GLU A 53 -8.00 -19.04 -5.57
CA GLU A 53 -9.21 -18.46 -4.99
C GLU A 53 -9.23 -16.95 -5.15
N TYR A 54 -8.12 -16.29 -4.79
CA TYR A 54 -8.06 -14.83 -4.89
C TYR A 54 -8.18 -14.39 -6.33
N PHE A 55 -7.39 -14.98 -7.21
CA PHE A 55 -7.45 -14.62 -8.63
C PHE A 55 -8.87 -14.79 -9.18
N GLU A 56 -9.52 -15.92 -8.89
CA GLU A 56 -10.80 -16.17 -9.55
C GLU A 56 -11.87 -15.23 -9.02
N MET A 57 -11.80 -14.87 -7.72
CA MET A 57 -12.81 -13.96 -7.19
C MET A 57 -12.59 -12.53 -7.67
N SER A 58 -11.32 -12.11 -7.83
CA SER A 58 -11.07 -10.78 -8.34
C SER A 58 -11.48 -10.64 -9.81
N VAL A 59 -11.21 -11.65 -10.62
CA VAL A 59 -11.61 -11.58 -12.03
C VAL A 59 -13.13 -11.51 -12.16
N ARG A 60 -13.83 -12.30 -11.34
CA ARG A 60 -15.28 -12.27 -11.38
C ARG A 60 -15.84 -10.93 -10.92
N LEU A 61 -15.22 -10.31 -9.89
CA LEU A 61 -15.63 -8.98 -9.45
C LEU A 61 -15.40 -7.96 -10.55
N ALA A 62 -14.26 -8.05 -11.23
CA ALA A 62 -13.95 -7.15 -12.33
C ALA A 62 -15.01 -7.24 -13.42
N GLU A 63 -15.35 -8.47 -13.83
CA GLU A 63 -16.33 -8.61 -14.90
C GLU A 63 -17.71 -8.17 -14.44
N ALA A 64 -18.08 -8.53 -13.19
CA ALA A 64 -19.38 -8.11 -12.67
C ALA A 64 -19.49 -6.60 -12.61
N MET A 65 -18.46 -5.92 -12.09
CA MET A 65 -18.49 -4.46 -12.05
C MET A 65 -18.57 -3.88 -13.44
N LYS A 66 -17.83 -4.47 -14.38
CA LYS A 66 -17.91 -4.00 -15.76
C LYS A 66 -19.31 -4.19 -16.32
N ARG A 67 -19.88 -5.38 -16.15
CA ARG A 67 -21.24 -5.64 -16.65
C ARG A 67 -22.28 -4.80 -15.93
N TYR A 68 -21.97 -4.40 -14.70
CA TYR A 68 -22.85 -3.50 -13.99
C TYR A 68 -22.79 -2.09 -14.58
N GLY A 69 -21.71 -1.75 -15.28
CA GLY A 69 -21.57 -0.43 -15.89
C GLY A 69 -20.45 0.45 -15.37
N LEU A 70 -19.58 0.02 -14.44
CA LEU A 70 -18.51 0.90 -13.95
C LEU A 70 -17.34 0.91 -14.91
N ASN A 71 -16.72 2.08 -15.05
CA ASN A 71 -15.61 2.31 -15.97
C ASN A 71 -14.75 3.44 -15.41
N THR A 72 -13.88 3.99 -16.26
CA THR A 72 -12.86 4.94 -15.80
C THR A 72 -13.45 6.22 -15.23
N ASN A 73 -14.71 6.52 -15.55
CA ASN A 73 -15.45 7.66 -15.01
C ASN A 73 -16.02 7.39 -13.64
N HIS A 74 -15.73 6.22 -13.05
CA HIS A 74 -16.35 5.82 -11.81
C HIS A 74 -15.29 5.54 -10.75
N ARG A 75 -15.70 5.64 -9.50
CA ARG A 75 -14.88 5.25 -8.37
C ARG A 75 -15.68 4.36 -7.45
N ILE A 76 -15.01 3.39 -6.84
CA ILE A 76 -15.60 2.60 -5.77
C ILE A 76 -14.89 2.96 -4.47
N VAL A 77 -15.59 2.75 -3.36
CA VAL A 77 -14.97 2.82 -2.03
C VAL A 77 -14.87 1.40 -1.48
N VAL A 78 -13.79 1.12 -0.77
CA VAL A 78 -13.61 -0.12 -0.03
C VAL A 78 -13.39 0.30 1.43
N CYS A 79 -14.35 -0.02 2.29
CA CYS A 79 -14.35 0.44 3.67
C CYS A 79 -14.36 -0.80 4.56
N SER A 80 -13.17 -1.23 4.99
CA SER A 80 -13.10 -2.44 5.79
C SER A 80 -11.80 -2.45 6.57
N GLU A 81 -11.86 -3.07 7.75
CA GLU A 81 -10.60 -3.40 8.40
C GLU A 81 -9.88 -4.43 7.56
N ASN A 82 -8.55 -4.51 7.76
CA ASN A 82 -7.74 -5.52 7.13
C ASN A 82 -8.43 -6.87 7.24
N SER A 83 -8.55 -7.57 6.11
CA SER A 83 -9.25 -8.85 6.12
C SER A 83 -8.86 -9.66 4.89
N LEU A 84 -9.26 -10.94 4.88
CA LEU A 84 -9.03 -11.78 3.72
C LEU A 84 -9.71 -11.21 2.48
N GLN A 85 -10.82 -10.51 2.64
CA GLN A 85 -11.59 -10.07 1.47
C GLN A 85 -11.18 -8.68 0.99
N PHE A 86 -10.41 -7.92 1.79
CA PHE A 86 -10.18 -6.52 1.49
C PHE A 86 -9.77 -6.31 0.04
N PHE A 87 -8.79 -7.08 -0.43
CA PHE A 87 -8.23 -6.77 -1.73
C PHE A 87 -9.02 -7.34 -2.92
N MET A 88 -10.08 -8.12 -2.70
CA MET A 88 -10.86 -8.63 -3.83
C MET A 88 -11.45 -7.50 -4.65
N PRO A 89 -12.24 -6.58 -4.07
CA PRO A 89 -12.75 -5.48 -4.88
C PRO A 89 -11.64 -4.55 -5.37
N VAL A 90 -10.55 -4.42 -4.60
CA VAL A 90 -9.43 -3.58 -5.04
C VAL A 90 -8.85 -4.09 -6.34
N LEU A 91 -8.52 -5.38 -6.39
CA LEU A 91 -8.01 -5.99 -7.63
C LEU A 91 -9.06 -5.94 -8.73
N GLY A 92 -10.29 -6.28 -8.40
CA GLY A 92 -11.35 -6.23 -9.40
C GLY A 92 -11.41 -4.88 -10.07
N ALA A 93 -11.31 -3.81 -9.29
CA ALA A 93 -11.47 -2.49 -9.90
C ALA A 93 -10.23 -2.11 -10.71
N LEU A 94 -9.05 -2.48 -10.24
CA LEU A 94 -7.83 -2.21 -10.99
C LEU A 94 -7.83 -2.94 -12.33
N PHE A 95 -8.47 -4.11 -12.39
CA PHE A 95 -8.48 -4.88 -13.64
C PHE A 95 -9.25 -4.17 -14.72
N ILE A 96 -10.19 -3.31 -14.34
CA ILE A 96 -11.06 -2.67 -15.32
C ILE A 96 -10.90 -1.16 -15.31
N GLY A 97 -9.91 -0.64 -14.58
CA GLY A 97 -9.67 0.79 -14.56
C GLY A 97 -10.63 1.63 -13.77
N VAL A 98 -11.32 1.07 -12.80
CA VAL A 98 -12.15 1.84 -11.90
C VAL A 98 -11.30 2.24 -10.69
N ALA A 99 -11.26 3.53 -10.38
CA ALA A 99 -10.40 4.01 -9.30
C ALA A 99 -10.94 3.58 -7.95
N VAL A 100 -10.05 3.19 -7.05
CA VAL A 100 -10.41 2.68 -5.73
C VAL A 100 -10.03 3.71 -4.68
N ALA A 101 -10.97 4.07 -3.82
CA ALA A 101 -10.67 4.94 -2.66
C ALA A 101 -10.91 4.15 -1.40
N PRO A 102 -9.86 3.61 -0.77
CA PRO A 102 -10.08 2.84 0.46
C PRO A 102 -10.35 3.78 1.61
N ALA A 103 -11.32 3.39 2.43
CA ALA A 103 -11.84 4.25 3.48
C ALA A 103 -11.53 3.63 4.82
N ASN A 104 -10.95 4.45 5.69
CA ASN A 104 -10.58 4.09 7.05
C ASN A 104 -11.77 3.48 7.78
N ASP A 105 -11.70 2.20 8.06
CA ASP A 105 -12.79 1.54 8.70
C ASP A 105 -13.00 2.02 10.14
N ILE A 106 -12.17 2.91 10.62
CA ILE A 106 -12.43 3.41 11.95
C ILE A 106 -12.63 4.89 11.96
N TYR A 107 -12.75 5.49 10.80
CA TYR A 107 -13.16 6.87 10.75
C TYR A 107 -14.51 6.73 11.35
N ASN A 108 -14.91 7.73 12.10
CA ASN A 108 -16.27 7.81 12.52
C ASN A 108 -17.06 8.29 11.34
N GLU A 109 -18.34 8.43 11.53
CA GLU A 109 -19.27 8.82 10.48
C GLU A 109 -18.88 10.12 9.78
N ARG A 110 -18.36 11.08 10.55
CA ARG A 110 -18.06 12.40 9.99
C ARG A 110 -16.83 12.36 9.10
N GLU A 111 -15.81 11.64 9.51
CA GLU A 111 -14.64 11.53 8.66
C GLU A 111 -14.93 10.68 7.44
N LEU A 112 -15.79 9.67 7.58
CA LEU A 112 -16.23 8.89 6.42
C LEU A 112 -16.93 9.78 5.41
N LEU A 113 -17.88 10.60 5.88
CA LEU A 113 -18.56 11.51 4.98
C LEU A 113 -17.55 12.39 4.25
N ASN A 114 -16.63 13.00 5.00
CA ASN A 114 -15.70 13.92 4.35
C ASN A 114 -14.80 13.18 3.38
N SER A 115 -14.37 11.98 3.75
CA SER A 115 -13.60 11.16 2.83
C SER A 115 -14.38 10.84 1.55
N MET A 116 -15.61 10.36 1.69
CA MET A 116 -16.34 9.93 0.50
C MET A 116 -16.99 11.08 -0.24
N ASN A 117 -17.12 12.25 0.40
CA ASN A 117 -17.55 13.43 -0.35
C ASN A 117 -16.51 13.84 -1.37
N ILE A 118 -15.23 13.61 -1.07
CA ILE A 118 -14.19 13.89 -2.05
C ILE A 118 -14.13 12.79 -3.09
N SER A 119 -14.30 11.52 -2.68
CA SER A 119 -14.10 10.41 -3.60
C SER A 119 -15.32 10.15 -4.46
N GLN A 120 -16.51 10.55 -4.01
CA GLN A 120 -17.74 10.47 -4.79
C GLN A 120 -17.95 9.08 -5.42
N PRO A 121 -18.00 8.02 -4.61
CA PRO A 121 -18.13 6.66 -5.17
C PRO A 121 -19.54 6.33 -5.64
N THR A 122 -19.59 5.52 -6.70
CA THR A 122 -20.88 5.01 -7.18
C THR A 122 -21.27 3.72 -6.47
N VAL A 123 -20.28 2.92 -6.10
CA VAL A 123 -20.48 1.66 -5.43
C VAL A 123 -19.57 1.66 -4.21
N VAL A 124 -20.07 1.11 -3.10
CA VAL A 124 -19.30 0.97 -1.86
C VAL A 124 -19.27 -0.50 -1.49
N PHE A 125 -18.07 -1.05 -1.31
CA PHE A 125 -17.91 -2.34 -0.66
C PHE A 125 -17.58 -2.08 0.81
N VAL A 126 -18.26 -2.76 1.72
CA VAL A 126 -18.09 -2.50 3.14
C VAL A 126 -18.19 -3.82 3.91
N SER A 127 -17.45 -3.91 5.02
CA SER A 127 -17.66 -5.03 5.91
C SER A 127 -18.98 -4.88 6.67
N LYS A 128 -19.41 -5.99 7.28
CA LYS A 128 -20.61 -5.97 8.10
C LYS A 128 -20.60 -4.87 9.15
N LYS A 129 -19.46 -4.68 9.84
CA LYS A 129 -19.46 -3.77 10.98
C LYS A 129 -19.47 -2.31 10.56
N GLY A 130 -19.22 -2.02 9.27
CA GLY A 130 -19.25 -0.67 8.77
C GLY A 130 -20.50 -0.29 8.02
N LEU A 131 -21.40 -1.25 7.79
CA LEU A 131 -22.60 -1.00 7.01
C LEU A 131 -23.40 0.17 7.55
N GLN A 132 -23.64 0.21 8.86
CA GLN A 132 -24.53 1.24 9.39
C GLN A 132 -23.95 2.64 9.20
N LYS A 133 -22.63 2.79 9.25
CA LYS A 133 -22.03 4.07 8.89
C LYS A 133 -22.23 4.39 7.40
N ILE A 134 -22.03 3.40 6.54
CA ILE A 134 -22.17 3.70 5.11
C ILE A 134 -23.60 4.08 4.80
N LEU A 135 -24.57 3.42 5.45
CA LEU A 135 -25.97 3.76 5.24
C LEU A 135 -26.28 5.18 5.68
N ASN A 136 -25.63 5.67 6.75
CA ASN A 136 -25.83 7.05 7.15
C ASN A 136 -25.16 8.02 6.18
N VAL A 137 -23.96 7.67 5.72
CA VAL A 137 -23.27 8.47 4.71
C VAL A 137 -24.07 8.49 3.41
N GLN A 138 -24.66 7.36 3.05
CA GLN A 138 -25.45 7.29 1.82
C GLN A 138 -26.62 8.25 1.86
N LYS A 139 -27.34 8.31 2.98
CA LYS A 139 -28.43 9.30 3.12
C LYS A 139 -27.97 10.69 2.69
N LYS A 140 -26.76 11.10 3.08
CA LYS A 140 -26.22 12.39 2.70
C LYS A 140 -25.56 12.41 1.32
N LEU A 141 -25.18 11.25 0.78
CA LEU A 141 -24.45 11.17 -0.48
C LEU A 141 -25.10 10.12 -1.36
N PRO A 142 -26.28 10.42 -1.92
CA PRO A 142 -27.00 9.40 -2.70
C PRO A 142 -26.26 8.97 -3.94
N ILE A 143 -25.15 9.62 -4.29
CA ILE A 143 -24.36 9.12 -5.42
C ILE A 143 -23.96 7.68 -5.15
N ILE A 144 -23.88 7.31 -3.88
CA ILE A 144 -23.75 5.91 -3.50
C ILE A 144 -25.04 5.18 -3.84
N GLN A 145 -25.07 4.52 -4.99
CA GLN A 145 -26.28 3.85 -5.43
C GLN A 145 -26.30 2.36 -5.15
N LYS A 146 -25.17 1.76 -4.75
CA LYS A 146 -25.07 0.32 -4.58
C LYS A 146 -24.12 0.02 -3.43
N ILE A 147 -24.58 -0.78 -2.46
CA ILE A 147 -23.77 -1.21 -1.31
C ILE A 147 -23.63 -2.73 -1.35
N ILE A 148 -22.39 -3.22 -1.25
CA ILE A 148 -22.06 -4.63 -1.30
C ILE A 148 -21.28 -5.01 -0.03
N ILE A 149 -21.65 -6.14 0.57
CA ILE A 149 -21.07 -6.57 1.84
C ILE A 149 -19.87 -7.48 1.58
N MET A 150 -18.75 -7.22 2.25
CA MET A 150 -17.51 -7.89 1.85
C MET A 150 -17.32 -9.24 2.55
N ASP A 151 -17.71 -9.33 3.82
CA ASP A 151 -17.40 -10.51 4.62
C ASP A 151 -18.67 -11.29 4.92
N SER A 152 -19.37 -11.63 3.85
CA SER A 152 -20.50 -12.53 3.91
C SER A 152 -20.42 -13.45 2.70
N LYS A 153 -21.06 -14.60 2.76
CA LYS A 153 -21.26 -15.38 1.54
C LYS A 153 -22.66 -15.21 0.96
N THR A 154 -23.68 -15.37 1.80
CA THR A 154 -25.06 -15.06 1.44
C THR A 154 -25.28 -13.54 1.43
N ASP A 155 -26.48 -13.13 1.05
CA ASP A 155 -26.90 -11.74 1.27
C ASP A 155 -26.85 -11.42 2.77
N TYR A 156 -26.76 -10.13 3.08
CA TYR A 156 -26.65 -9.70 4.49
C TYR A 156 -27.51 -8.48 4.71
N GLN A 157 -28.51 -8.63 5.57
CA GLN A 157 -29.42 -7.54 5.95
C GLN A 157 -29.95 -6.81 4.73
N GLY A 158 -30.38 -7.58 3.74
CA GLY A 158 -30.96 -7.00 2.56
C GLY A 158 -29.97 -6.56 1.50
N PHE A 159 -28.67 -6.60 1.76
CA PHE A 159 -27.66 -6.20 0.80
C PHE A 159 -26.96 -7.41 0.22
N GLN A 160 -26.57 -7.31 -1.04
CA GLN A 160 -25.84 -8.38 -1.70
C GLN A 160 -24.42 -8.49 -1.13
N SER A 161 -23.91 -9.71 -1.10
CA SER A 161 -22.49 -9.91 -0.85
C SER A 161 -21.71 -9.84 -2.15
N MET A 162 -20.38 -9.85 -2.04
CA MET A 162 -19.57 -9.86 -3.25
C MET A 162 -19.97 -11.05 -4.11
N TYR A 163 -20.31 -12.19 -3.47
CA TYR A 163 -20.55 -13.43 -4.19
C TYR A 163 -21.92 -13.42 -4.87
N THR A 164 -22.95 -12.89 -4.21
CA THR A 164 -24.26 -12.79 -4.85
C THR A 164 -24.28 -11.66 -5.88
N PHE A 165 -23.52 -10.58 -5.65
CA PHE A 165 -23.38 -9.56 -6.67
C PHE A 165 -22.69 -10.11 -7.91
N VAL A 166 -21.67 -10.93 -7.72
CA VAL A 166 -20.97 -11.46 -8.87
C VAL A 166 -21.91 -12.32 -9.74
N THR A 167 -22.63 -13.23 -9.10
CA THR A 167 -23.55 -14.10 -9.85
C THR A 167 -24.61 -13.30 -10.57
N SER A 168 -25.14 -12.25 -9.94
CA SER A 168 -26.14 -11.37 -10.56
C SER A 168 -25.66 -10.75 -11.87
N HIS A 169 -24.34 -10.73 -12.15
CA HIS A 169 -23.84 -9.95 -13.27
C HIS A 169 -22.80 -10.66 -14.13
N LEU A 170 -22.51 -11.91 -13.88
CA LEU A 170 -21.66 -12.63 -14.81
C LEU A 170 -22.50 -13.15 -15.98
N PRO A 171 -21.96 -13.10 -17.19
CA PRO A 171 -22.62 -13.75 -18.33
C PRO A 171 -22.54 -15.26 -18.17
N PRO A 172 -23.45 -16.00 -18.80
CA PRO A 172 -23.36 -17.46 -18.75
C PRO A 172 -22.06 -17.94 -19.37
N GLY A 173 -21.52 -19.01 -18.79
CA GLY A 173 -20.25 -19.54 -19.24
C GLY A 173 -19.06 -18.62 -19.06
N PHE A 174 -19.12 -17.67 -18.13
CA PHE A 174 -17.94 -16.85 -17.84
C PHE A 174 -16.74 -17.73 -17.51
N ASN A 175 -15.61 -17.47 -18.13
CA ASN A 175 -14.42 -18.27 -17.85
C ASN A 175 -13.34 -17.38 -17.22
N GLU A 176 -12.99 -17.66 -15.95
CA GLU A 176 -12.08 -16.77 -15.22
C GLU A 176 -10.72 -16.72 -15.86
N TYR A 177 -10.31 -17.78 -16.54
CA TYR A 177 -8.97 -17.82 -17.11
C TYR A 177 -8.95 -17.36 -18.56
N ASP A 178 -10.10 -17.05 -19.15
CA ASP A 178 -10.15 -16.39 -20.44
C ASP A 178 -10.31 -14.88 -20.32
N PHE A 179 -10.72 -14.41 -19.14
CA PHE A 179 -10.88 -12.98 -18.91
C PHE A 179 -9.58 -12.24 -19.24
N VAL A 180 -9.75 -11.07 -19.83
CA VAL A 180 -8.63 -10.22 -20.23
C VAL A 180 -8.85 -8.87 -19.56
N PRO A 181 -7.95 -8.44 -18.66
CA PRO A 181 -8.12 -7.14 -18.03
C PRO A 181 -8.05 -6.02 -19.06
N GLU A 182 -8.72 -4.90 -18.74
CA GLU A 182 -8.76 -3.76 -19.65
C GLU A 182 -7.37 -3.18 -19.90
N SER A 183 -7.17 -2.68 -21.11
CA SER A 183 -5.99 -1.93 -21.48
C SER A 183 -6.37 -0.45 -21.55
N PHE A 184 -5.58 0.43 -20.93
CA PHE A 184 -5.89 1.85 -20.96
C PHE A 184 -4.63 2.65 -20.65
N ASP A 185 -4.74 3.97 -20.78
CA ASP A 185 -3.66 4.90 -20.49
C ASP A 185 -3.28 4.86 -19.01
N ARG A 186 -2.12 4.31 -18.69
CA ARG A 186 -1.68 4.25 -17.29
C ARG A 186 -1.28 5.60 -16.71
N ASP A 187 -0.87 6.57 -17.55
CA ASP A 187 -0.58 7.90 -17.02
C ASP A 187 -1.84 8.61 -16.59
N LYS A 188 -2.92 8.44 -17.37
CA LYS A 188 -4.15 9.21 -17.21
C LYS A 188 -5.23 8.51 -16.39
N THR A 189 -5.17 7.20 -16.25
CA THR A 189 -6.22 6.52 -15.51
C THR A 189 -5.78 6.38 -14.05
N ILE A 190 -6.65 6.83 -13.15
CA ILE A 190 -6.35 6.81 -11.73
C ILE A 190 -6.60 5.41 -11.19
N ALA A 191 -5.62 4.87 -10.50
CA ALA A 191 -5.76 3.60 -9.82
C ALA A 191 -6.34 3.77 -8.41
N LEU A 192 -5.73 4.65 -7.61
CA LEU A 192 -6.15 4.83 -6.22
C LEU A 192 -6.38 6.29 -5.90
N ILE A 193 -7.36 6.55 -5.06
CA ILE A 193 -7.52 7.84 -4.40
C ILE A 193 -7.28 7.60 -2.92
N MET A 194 -6.16 8.11 -2.41
CA MET A 194 -5.77 7.93 -1.01
C MET A 194 -6.02 9.18 -0.18
N ASN A 195 -6.34 8.97 1.08
CA ASN A 195 -6.62 10.07 1.99
C ASN A 195 -5.33 10.72 2.44
N SER A 196 -5.36 12.05 2.57
CA SER A 196 -4.20 12.81 3.00
C SER A 196 -4.08 12.84 4.51
N SER A 197 -2.84 12.83 4.98
CA SER A 197 -2.47 13.12 6.38
C SER A 197 -3.27 14.26 7.04
N LEU A 202 -7.91 18.92 7.55
CA LEU A 202 -8.97 18.02 7.09
C LEU A 202 -8.58 17.28 5.80
N PRO A 203 -8.76 15.96 5.80
CA PRO A 203 -8.15 15.12 4.74
C PRO A 203 -8.43 15.60 3.33
N LYS A 204 -7.48 15.34 2.43
CA LYS A 204 -7.59 15.60 1.01
C LYS A 204 -7.58 14.28 0.23
N GLY A 205 -7.98 14.34 -1.03
CA GLY A 205 -7.97 13.17 -1.88
C GLY A 205 -6.76 13.20 -2.79
N VAL A 206 -5.95 12.16 -2.70
CA VAL A 206 -4.72 12.06 -3.49
C VAL A 206 -4.96 11.06 -4.63
N ALA A 207 -4.97 11.56 -5.88
CA ALA A 207 -5.13 10.74 -7.08
C ALA A 207 -3.79 10.15 -7.50
N LEU A 208 -3.74 8.81 -7.61
CA LEU A 208 -2.56 8.08 -8.04
C LEU A 208 -2.86 7.34 -9.35
N PRO A 209 -2.33 7.83 -10.47
CA PRO A 209 -2.44 7.09 -11.73
C PRO A 209 -1.89 5.67 -11.60
N HIS A 210 -2.43 4.78 -12.45
CA HIS A 210 -1.91 3.42 -12.50
C HIS A 210 -0.39 3.39 -12.63
N ARG A 211 0.18 4.36 -13.36
CA ARG A 211 1.63 4.41 -13.52
C ARG A 211 2.36 4.37 -12.18
N THR A 212 1.88 5.12 -11.20
CA THR A 212 2.64 5.20 -9.95
C THR A 212 2.68 3.84 -9.26
N ALA A 213 1.61 3.05 -9.38
CA ALA A 213 1.65 1.68 -8.87
C ALA A 213 2.59 0.81 -9.68
N CYS A 214 2.66 1.01 -11.00
CA CYS A 214 3.57 0.21 -11.82
C CYS A 214 5.02 0.42 -11.39
N VAL A 215 5.40 1.67 -11.13
CA VAL A 215 6.75 1.91 -10.64
C VAL A 215 6.96 1.23 -9.30
N ARG A 216 5.94 1.27 -8.44
CA ARG A 216 6.01 0.58 -7.15
C ARG A 216 6.29 -0.92 -7.33
N PHE A 217 5.68 -1.55 -8.35
CA PHE A 217 5.91 -2.97 -8.57
C PHE A 217 7.32 -3.24 -9.07
N SER A 218 7.99 -2.25 -9.67
CA SER A 218 9.40 -2.40 -9.97
C SER A 218 10.21 -2.51 -8.68
N HIS A 219 10.00 -1.58 -7.75
CA HIS A 219 10.74 -1.62 -6.48
C HIS A 219 10.43 -2.89 -5.70
N ALA A 220 9.18 -3.37 -5.77
CA ALA A 220 8.76 -4.43 -4.86
C ALA A 220 9.50 -5.72 -5.11
N ARG A 221 9.85 -6.01 -6.36
CA ARG A 221 10.61 -7.22 -6.68
C ARG A 221 12.05 -6.92 -7.04
N ASP A 222 12.46 -5.65 -6.97
CA ASP A 222 13.87 -5.31 -7.04
C ASP A 222 14.63 -5.99 -5.91
N PRO A 223 15.77 -6.64 -6.18
CA PRO A 223 16.51 -7.31 -5.09
C PRO A 223 17.16 -6.37 -4.10
N ILE A 224 17.45 -5.14 -4.49
CA ILE A 224 18.07 -4.19 -3.55
C ILE A 224 17.03 -3.35 -2.85
N PHE A 225 15.98 -2.95 -3.56
CA PHE A 225 15.00 -2.03 -3.03
C PHE A 225 13.69 -2.68 -2.65
N GLY A 226 13.59 -4.01 -2.78
CA GLY A 226 12.36 -4.69 -2.45
C GLY A 226 12.69 -6.01 -1.81
N ASN A 227 11.99 -7.07 -2.21
CA ASN A 227 12.29 -8.39 -1.71
C ASN A 227 12.61 -9.32 -2.87
N GLN A 228 13.42 -10.33 -2.57
CA GLN A 228 13.72 -11.39 -3.52
C GLN A 228 12.49 -12.29 -3.73
N ILE A 229 12.19 -12.62 -4.99
CA ILE A 229 11.06 -13.51 -5.30
C ILE A 229 11.51 -14.94 -5.04
N ILE A 230 11.17 -15.47 -3.87
CA ILE A 230 11.62 -16.79 -3.44
C ILE A 230 10.41 -17.56 -2.94
N PRO A 231 10.21 -18.82 -3.38
CA PRO A 231 8.98 -19.54 -2.98
C PRO A 231 8.93 -19.73 -1.49
N ASP A 232 7.71 -19.78 -0.96
CA ASP A 232 7.48 -19.94 0.47
C ASP A 232 8.04 -18.78 1.29
N THR A 233 7.93 -17.58 0.74
CA THR A 233 8.23 -16.36 1.48
C THR A 233 6.97 -15.86 2.16
N ALA A 234 7.03 -15.59 3.47
CA ALA A 234 5.84 -15.13 4.17
C ALA A 234 6.10 -13.81 4.88
N ILE A 235 5.08 -12.94 4.89
CA ILE A 235 5.18 -11.59 5.44
C ILE A 235 4.06 -11.41 6.44
N LEU A 236 4.39 -10.94 7.65
CA LEU A 236 3.40 -10.60 8.66
C LEU A 236 3.22 -9.09 8.63
N SER A 237 2.07 -8.62 8.13
CA SER A 237 1.81 -7.20 7.97
C SER A 237 0.76 -6.74 8.98
N VAL A 238 1.12 -5.75 9.81
CA VAL A 238 0.26 -5.19 10.84
C VAL A 238 0.01 -3.73 10.50
N VAL A 239 -0.07 -3.40 9.22
CA VAL A 239 -0.26 -2.02 8.82
C VAL A 239 -1.62 -1.88 8.15
N PRO A 240 -2.29 -0.72 8.26
CA PRO A 240 -3.63 -0.60 7.69
C PRO A 240 -3.59 -0.67 6.16
N PHE A 241 -4.51 -1.45 5.59
CA PHE A 241 -4.59 -1.55 4.14
C PHE A 241 -5.07 -0.25 3.50
N HIS A 242 -5.79 0.58 4.24
CA HIS A 242 -6.37 1.78 3.65
C HIS A 242 -5.38 2.94 3.54
N HIS A 243 -4.14 2.80 4.01
CA HIS A 243 -3.13 3.83 3.78
C HIS A 243 -1.99 3.28 2.91
N GLY A 244 -1.16 4.20 2.43
CA GLY A 244 -0.24 3.90 1.35
C GLY A 244 0.80 2.87 1.72
N PHE A 245 1.23 2.88 2.98
CA PHE A 245 2.18 1.90 3.45
C PHE A 245 1.65 0.49 3.27
N GLY A 246 0.45 0.22 3.79
CA GLY A 246 -0.13 -1.11 3.64
C GLY A 246 -0.62 -1.39 2.23
N MET A 247 -1.20 -0.38 1.57
CA MET A 247 -1.76 -0.61 0.24
C MET A 247 -0.69 -1.06 -0.74
N PHE A 248 0.45 -0.38 -0.73
CA PHE A 248 1.39 -0.60 -1.82
C PHE A 248 2.49 -1.60 -1.49
N THR A 249 2.72 -1.93 -0.21
CA THR A 249 3.45 -3.14 0.09
C THR A 249 2.60 -4.37 -0.28
N THR A 250 1.32 -4.38 0.14
CA THR A 250 0.51 -5.57 -0.07
C THR A 250 0.35 -5.87 -1.57
N LEU A 251 0.05 -4.85 -2.36
CA LEU A 251 -0.03 -5.11 -3.80
C LEU A 251 1.30 -5.56 -4.34
N GLY A 252 2.41 -5.13 -3.73
CA GLY A 252 3.70 -5.59 -4.19
C GLY A 252 3.97 -7.03 -3.79
N TYR A 253 3.51 -7.42 -2.60
CA TYR A 253 3.65 -8.80 -2.18
C TYR A 253 2.81 -9.73 -3.04
N LEU A 254 1.68 -9.24 -3.52
CA LEU A 254 0.83 -10.06 -4.39
C LEU A 254 1.48 -10.26 -5.75
N ILE A 255 2.09 -9.20 -6.30
CA ILE A 255 2.84 -9.32 -7.56
C ILE A 255 3.97 -10.34 -7.43
N CYS A 256 4.56 -10.46 -6.23
CA CYS A 256 5.72 -11.31 -5.95
C CYS A 256 5.37 -12.74 -5.57
N GLY A 257 4.09 -13.07 -5.41
CA GLY A 257 3.65 -14.39 -4.99
C GLY A 257 3.83 -14.72 -3.52
N PHE A 258 3.98 -13.72 -2.66
CA PHE A 258 4.26 -13.98 -1.26
C PHE A 258 3.00 -14.41 -0.52
N ARG A 259 3.21 -15.09 0.62
CA ARG A 259 2.14 -15.33 1.58
C ARG A 259 2.01 -14.14 2.53
N VAL A 260 0.86 -13.47 2.52
CA VAL A 260 0.66 -12.30 3.36
C VAL A 260 -0.19 -12.69 4.56
N VAL A 261 0.44 -12.75 5.71
CA VAL A 261 -0.22 -13.05 6.96
C VAL A 261 -0.66 -11.74 7.57
N LEU A 262 -1.93 -11.63 7.92
CA LEU A 262 -2.41 -10.35 8.41
C LEU A 262 -2.93 -10.45 9.84
N MET A 263 -2.89 -9.33 10.51
CA MET A 263 -3.70 -9.15 11.70
C MET A 263 -4.12 -7.70 11.73
N TYR A 264 -5.28 -7.47 12.32
CA TYR A 264 -5.85 -6.15 12.35
C TYR A 264 -6.19 -5.69 13.75
N ARG A 265 -6.07 -6.56 14.76
CA ARG A 265 -5.97 -6.13 16.16
C ARG A 265 -4.63 -6.62 16.68
N PHE A 266 -3.80 -5.69 17.15
CA PHE A 266 -2.52 -6.11 17.69
C PHE A 266 -2.68 -6.87 19.00
N GLU A 267 -1.99 -8.00 19.12
CA GLU A 267 -1.78 -8.69 20.38
C GLU A 267 -0.36 -9.22 20.45
N GLU A 268 0.34 -8.94 21.56
CA GLU A 268 1.75 -9.33 21.66
C GLU A 268 1.96 -10.82 21.41
N GLU A 269 1.20 -11.68 22.10
CA GLU A 269 1.43 -13.11 21.97
C GLU A 269 1.06 -13.61 20.58
N LEU A 270 -0.06 -13.16 20.05
CA LEU A 270 -0.49 -13.63 18.73
C LEU A 270 0.52 -13.20 17.67
N PHE A 271 1.04 -11.98 17.78
CA PHE A 271 2.04 -11.52 16.82
C PHE A 271 3.30 -12.39 16.89
N LEU A 272 3.83 -12.59 18.11
CA LEU A 272 5.07 -13.36 18.28
C LEU A 272 4.87 -14.82 17.86
N ARG A 273 3.78 -15.44 18.32
CA ARG A 273 3.43 -16.79 17.88
C ARG A 273 3.29 -16.87 16.34
N SER A 274 2.66 -15.88 15.70
CA SER A 274 2.53 -15.92 14.23
C SER A 274 3.89 -15.76 13.54
N LEU A 275 4.76 -14.88 14.05
CA LEU A 275 6.13 -14.83 13.55
C LEU A 275 6.74 -16.22 13.51
N GLN A 276 6.65 -16.92 14.64
CA GLN A 276 7.25 -18.24 14.79
C GLN A 276 6.56 -19.29 13.92
N ASP A 277 5.25 -19.47 14.10
CA ASP A 277 4.56 -20.63 13.53
C ASP A 277 4.43 -20.50 12.02
N TYR A 278 4.29 -19.28 11.50
CA TYR A 278 4.23 -19.05 10.06
C TYR A 278 5.60 -18.83 9.45
N LYS A 279 6.67 -19.05 10.21
CA LYS A 279 8.04 -18.97 9.70
C LYS A 279 8.23 -17.67 8.92
N ILE A 280 7.70 -16.58 9.49
CA ILE A 280 7.70 -15.29 8.83
C ILE A 280 9.14 -14.84 8.59
N GLN A 281 9.39 -14.33 7.39
CA GLN A 281 10.71 -13.82 7.04
C GLN A 281 10.79 -12.30 7.15
N SER A 282 9.67 -11.60 7.03
CA SER A 282 9.68 -10.15 7.07
C SER A 282 8.45 -9.63 7.79
N ALA A 283 8.66 -8.75 8.77
CA ALA A 283 7.58 -8.21 9.58
C ALA A 283 7.40 -6.73 9.31
N LEU A 284 6.15 -6.31 9.20
CA LEU A 284 5.76 -4.94 8.87
C LEU A 284 5.05 -4.31 10.06
N LEU A 285 5.62 -3.22 10.59
CA LEU A 285 5.04 -2.56 11.75
C LEU A 285 4.83 -1.09 11.49
N VAL A 286 3.78 -0.56 12.09
CA VAL A 286 3.57 0.88 12.21
C VAL A 286 4.48 1.34 13.35
N PRO A 287 4.99 2.57 13.34
CA PRO A 287 6.09 2.90 14.25
C PRO A 287 5.75 2.86 15.73
N THR A 288 4.49 3.11 16.13
CA THR A 288 4.16 2.98 17.55
C THR A 288 4.26 1.55 18.06
N LEU A 289 4.13 0.54 17.19
CA LEU A 289 4.43 -0.82 17.61
C LEU A 289 5.92 -1.04 17.84
N PHE A 290 6.78 -0.22 17.23
CA PHE A 290 8.21 -0.27 17.52
C PHE A 290 8.48 0.15 18.95
N SER A 291 7.80 1.19 19.41
CA SER A 291 7.90 1.57 20.80
C SER A 291 7.38 0.47 21.72
N PHE A 292 6.42 -0.33 21.23
CA PHE A 292 5.97 -1.46 22.04
C PHE A 292 7.03 -2.52 22.12
N PHE A 293 7.59 -2.93 20.98
CA PHE A 293 8.49 -4.06 21.07
C PHE A 293 9.83 -3.70 21.67
N ALA A 294 10.15 -2.40 21.78
CA ALA A 294 11.26 -2.00 22.64
C ALA A 294 11.01 -2.37 24.10
N LYS A 295 9.74 -2.52 24.51
CA LYS A 295 9.42 -2.87 25.89
C LYS A 295 9.17 -4.35 26.11
N SER A 296 8.79 -5.10 25.07
CA SER A 296 8.46 -6.51 25.22
C SER A 296 9.66 -7.34 25.67
N THR A 297 9.44 -8.22 26.65
CA THR A 297 10.46 -9.17 27.10
C THR A 297 10.14 -10.62 26.76
N LEU A 298 9.14 -10.86 25.90
CA LEU A 298 8.75 -12.23 25.60
C LEU A 298 9.34 -12.72 24.29
N ILE A 299 10.13 -11.88 23.62
CA ILE A 299 10.57 -12.19 22.27
C ILE A 299 11.46 -13.41 22.27
N ASP A 300 12.32 -13.52 23.29
CA ASP A 300 13.28 -14.62 23.34
C ASP A 300 12.61 -15.96 23.58
N LYS A 301 11.33 -15.97 23.97
CA LYS A 301 10.64 -17.23 24.18
C LYS A 301 10.26 -17.90 22.86
N TYR A 302 10.40 -17.23 21.74
CA TYR A 302 9.87 -17.69 20.46
C TYR A 302 11.02 -18.01 19.51
N ASP A 303 10.79 -19.02 18.65
CA ASP A 303 11.76 -19.39 17.62
C ASP A 303 11.58 -18.44 16.45
N LEU A 304 12.47 -17.44 16.38
CA LEU A 304 12.41 -16.38 15.38
C LEU A 304 13.54 -16.47 14.34
N SER A 305 14.08 -17.67 14.14
CA SER A 305 15.26 -17.85 13.30
C SER A 305 14.96 -17.58 11.82
N ASN A 306 13.71 -17.76 11.39
CA ASN A 306 13.39 -17.43 10.01
C ASN A 306 13.33 -15.94 9.78
N LEU A 307 13.21 -15.15 10.84
CA LEU A 307 12.99 -13.72 10.66
C LEU A 307 14.26 -13.09 10.11
N HIS A 308 14.17 -12.56 8.88
CA HIS A 308 15.27 -11.87 8.25
C HIS A 308 15.24 -10.36 8.49
N GLU A 309 14.06 -9.76 8.49
CA GLU A 309 14.01 -8.31 8.58
C GLU A 309 12.74 -7.88 9.30
N ILE A 310 12.85 -6.74 9.97
CA ILE A 310 11.71 -6.02 10.51
C ILE A 310 11.68 -4.68 9.79
N ALA A 311 10.59 -4.41 9.09
CA ALA A 311 10.51 -3.23 8.24
C ALA A 311 9.68 -2.15 8.93
N SER A 312 10.01 -0.92 8.62
CA SER A 312 9.40 0.22 9.25
C SER A 312 9.08 1.27 8.20
N GLY A 313 7.99 1.98 8.41
CA GLY A 313 7.80 3.16 7.58
C GLY A 313 6.71 4.03 8.13
N GLY A 314 6.52 5.15 7.43
CA GLY A 314 5.33 5.97 7.56
C GLY A 314 5.35 7.03 8.65
N ALA A 315 6.40 7.10 9.47
CA ALA A 315 6.37 7.99 10.64
C ALA A 315 7.77 8.01 11.26
N PRO A 316 8.02 8.68 12.40
CA PRO A 316 9.42 8.83 12.82
C PRO A 316 9.90 7.57 13.52
N LEU A 317 10.92 6.94 12.98
CA LEU A 317 11.66 5.95 13.73
C LEU A 317 12.95 6.61 14.20
N SER A 318 13.10 6.74 15.51
CA SER A 318 14.34 7.26 16.05
C SER A 318 15.42 6.20 16.00
N LYS A 319 16.66 6.68 15.97
CA LYS A 319 17.79 5.76 16.00
C LYS A 319 17.77 4.91 17.26
N GLU A 320 17.20 5.43 18.35
CA GLU A 320 17.23 4.73 19.64
C GLU A 320 16.27 3.53 19.65
N VAL A 321 14.97 3.75 19.43
CA VAL A 321 14.05 2.62 19.48
C VAL A 321 14.35 1.59 18.39
N GLY A 322 14.80 2.04 17.22
CA GLY A 322 15.21 1.10 16.19
C GLY A 322 16.30 0.15 16.66
N GLU A 323 17.38 0.69 17.21
CA GLU A 323 18.43 -0.14 17.76
C GLU A 323 17.90 -1.03 18.88
N ALA A 324 16.97 -0.52 19.70
CA ALA A 324 16.38 -1.33 20.76
C ALA A 324 15.59 -2.52 20.20
N VAL A 325 14.77 -2.26 19.18
CA VAL A 325 13.97 -3.32 18.57
C VAL A 325 14.86 -4.34 17.87
N ALA A 326 15.86 -3.88 17.10
CA ALA A 326 16.76 -4.79 16.38
C ALA A 326 17.45 -5.77 17.32
N LYS A 327 17.82 -5.30 18.51
CA LYS A 327 18.49 -6.14 19.49
C LYS A 327 17.53 -7.13 20.13
N ARG A 328 16.32 -6.70 20.51
CA ARG A 328 15.34 -7.64 21.06
C ARG A 328 15.04 -8.75 20.07
N PHE A 329 15.13 -8.47 18.78
CA PHE A 329 14.90 -9.44 17.72
C PHE A 329 16.18 -10.02 17.12
N HIS A 330 17.35 -9.65 17.66
CA HIS A 330 18.63 -10.23 17.24
C HIS A 330 18.88 -10.05 15.73
N LEU A 331 18.51 -8.88 15.20
CA LEU A 331 18.68 -8.57 13.78
C LEU A 331 19.75 -7.49 13.59
N PRO A 332 20.42 -7.45 12.43
CA PRO A 332 21.46 -6.42 12.21
C PRO A 332 21.00 -4.99 12.47
N GLY A 333 19.86 -4.62 11.91
CA GLY A 333 19.27 -3.34 12.16
C GLY A 333 17.80 -3.38 11.82
N ILE A 334 17.24 -2.20 11.59
CA ILE A 334 15.86 -2.04 11.15
C ILE A 334 15.89 -1.66 9.68
N ARG A 335 15.01 -2.25 8.88
CA ARG A 335 14.92 -1.89 7.48
C ARG A 335 13.80 -0.89 7.30
N GLN A 336 14.13 0.30 6.82
CA GLN A 336 13.24 1.44 6.94
C GLN A 336 13.01 2.06 5.57
N GLY A 337 12.04 2.97 5.51
CA GLY A 337 11.75 3.66 4.28
C GLY A 337 10.89 4.88 4.52
N TYR A 338 10.95 5.80 3.57
CA TYR A 338 10.25 7.07 3.73
C TYR A 338 9.46 7.41 2.48
N GLY A 339 8.20 7.78 2.68
CA GLY A 339 7.38 8.35 1.62
C GLY A 339 6.18 9.05 2.21
N LEU A 340 5.40 9.69 1.34
CA LEU A 340 4.17 10.36 1.74
C LEU A 340 3.02 9.75 0.96
N THR A 341 1.80 10.01 1.43
CA THR A 341 0.62 9.62 0.65
C THR A 341 0.72 10.18 -0.76
N GLU A 342 1.23 11.37 -0.89
CA GLU A 342 1.36 12.03 -2.16
C GLU A 342 2.48 11.46 -3.02
N THR A 343 3.17 10.50 -2.49
CA THR A 343 4.30 9.99 -3.18
C THR A 343 4.13 8.51 -3.49
N THR A 344 2.89 8.07 -3.43
CA THR A 344 2.54 6.68 -3.61
C THR A 344 3.08 5.80 -2.50
N SER A 345 4.37 5.60 -2.49
CA SER A 345 5.01 4.65 -1.63
C SER A 345 6.33 5.21 -1.15
N ALA A 346 7.24 4.34 -0.77
CA ALA A 346 8.50 4.83 -0.28
C ALA A 346 9.45 5.30 -1.36
N ILE A 347 10.06 6.44 -1.13
CA ILE A 347 10.94 7.10 -2.09
C ILE A 347 12.37 7.00 -1.62
N LEU A 348 12.55 6.87 -0.31
CA LEU A 348 13.82 6.49 0.29
C LEU A 348 13.63 5.15 0.96
N ILE A 349 14.55 4.23 0.73
CA ILE A 349 14.44 2.84 1.18
C ILE A 349 15.81 2.32 1.58
N THR A 350 15.90 1.73 2.78
CA THR A 350 17.08 0.97 3.15
C THR A 350 17.35 -0.13 2.11
N PRO A 351 18.47 -0.08 1.40
CA PRO A 351 18.82 -1.20 0.53
C PRO A 351 19.14 -2.42 1.37
N GLU A 352 18.86 -3.61 0.82
CA GLU A 352 18.87 -4.84 1.60
C GLU A 352 20.25 -5.09 2.20
N GLY A 353 20.34 -5.07 3.53
CA GLY A 353 21.61 -5.26 4.20
C GLY A 353 22.51 -4.04 4.23
N ASP A 354 22.18 -2.97 3.48
CA ASP A 354 22.88 -1.68 3.55
C ASP A 354 22.30 -0.80 4.64
N ASP A 355 21.94 -1.40 5.76
CA ASP A 355 21.23 -0.73 6.84
C ASP A 355 22.16 0.20 7.62
N LYS A 356 21.68 1.40 7.92
CA LYS A 356 22.45 2.28 8.77
C LYS A 356 21.56 2.84 9.86
N PRO A 357 22.03 2.87 11.10
CA PRO A 357 21.24 3.45 12.19
C PRO A 357 20.83 4.89 11.88
N GLY A 358 19.54 5.17 12.03
CA GLY A 358 19.02 6.51 11.91
C GLY A 358 18.60 6.93 10.52
N ALA A 359 19.03 6.20 9.49
CA ALA A 359 18.75 6.53 8.10
C ALA A 359 17.52 5.79 7.58
N VAL A 360 16.76 6.47 6.71
CA VAL A 360 15.57 5.89 6.08
C VAL A 360 15.84 5.34 4.70
N GLY A 361 17.09 5.39 4.22
CA GLY A 361 17.43 4.70 3.00
C GLY A 361 18.15 5.58 2.02
N LYS A 362 18.04 5.22 0.74
CA LYS A 362 18.62 5.95 -0.37
C LYS A 362 17.52 6.20 -1.40
N VAL A 363 17.83 7.03 -2.40
CA VAL A 363 16.83 7.34 -3.39
C VAL A 363 16.52 6.10 -4.22
N VAL A 364 15.24 5.78 -4.35
CA VAL A 364 14.80 4.57 -5.04
C VAL A 364 14.97 4.73 -6.55
N PRO A 365 15.08 3.63 -7.30
CA PRO A 365 15.09 3.72 -8.76
C PRO A 365 13.97 4.61 -9.27
N PHE A 366 14.27 5.34 -10.35
CA PHE A 366 13.45 6.30 -11.08
C PHE A 366 13.30 7.64 -10.38
N PHE A 367 13.80 7.80 -9.17
CA PHE A 367 13.56 9.05 -8.47
C PHE A 367 14.84 9.85 -8.35
N GLU A 368 14.66 11.10 -7.93
CA GLU A 368 15.77 11.95 -7.51
C GLU A 368 15.35 12.72 -6.27
N ALA A 369 16.34 13.09 -5.46
CA ALA A 369 16.08 13.74 -4.19
C ALA A 369 17.19 14.74 -3.88
N LYS A 370 16.79 15.88 -3.32
CA LYS A 370 17.73 16.90 -2.87
C LYS A 370 17.21 17.51 -1.58
N VAL A 371 18.09 18.28 -0.93
CA VAL A 371 17.74 19.10 0.23
C VAL A 371 18.05 20.56 -0.12
N VAL A 372 17.09 21.44 0.10
CA VAL A 372 17.19 22.83 -0.36
C VAL A 372 17.15 23.77 0.83
N ASP A 373 17.69 24.97 0.61
CA ASP A 373 17.82 25.94 1.69
C ASP A 373 16.45 26.49 2.08
N LEU A 374 16.15 26.41 3.37
CA LEU A 374 14.83 26.78 3.87
C LEU A 374 14.46 28.23 3.60
N ASP A 375 15.43 29.08 3.28
CA ASP A 375 15.14 30.48 2.98
C ASP A 375 15.17 30.79 1.49
N THR A 376 16.18 30.29 0.77
CA THR A 376 16.30 30.62 -0.65
C THR A 376 15.56 29.60 -1.52
N GLY A 377 16.16 28.43 -1.74
CA GLY A 377 15.59 27.34 -2.51
C GLY A 377 16.72 26.54 -3.12
N LYS A 378 17.91 27.14 -3.04
CA LYS A 378 19.11 26.61 -3.66
C LYS A 378 19.45 25.22 -3.10
N THR A 379 20.06 24.38 -3.94
CA THR A 379 20.37 23.01 -3.56
C THR A 379 21.57 22.94 -2.60
N LEU A 380 21.44 22.19 -1.50
CA LEU A 380 22.53 22.01 -0.56
C LEU A 380 23.34 20.74 -0.84
N GLY A 381 24.53 20.68 -0.25
CA GLY A 381 25.43 19.55 -0.38
C GLY A 381 25.48 18.71 0.87
N VAL A 382 26.51 17.84 0.92
CA VAL A 382 26.59 16.80 1.95
C VAL A 382 26.29 17.38 3.32
N ASN A 383 25.35 16.75 4.03
CA ASN A 383 25.09 16.90 5.46
C ASN A 383 24.55 18.28 5.85
N GLN A 384 24.28 19.16 4.88
CA GLN A 384 23.56 20.38 5.15
C GLN A 384 22.08 20.08 5.31
N ARG A 385 21.47 20.70 6.30
CA ARG A 385 20.07 20.47 6.63
C ARG A 385 19.22 21.54 5.94
N GLY A 386 18.26 21.09 5.12
CA GLY A 386 17.26 21.94 4.50
C GLY A 386 16.00 21.13 4.21
N GLU A 387 15.11 21.64 3.35
CA GLU A 387 13.87 20.91 3.09
C GLU A 387 14.14 19.71 2.19
N LEU A 388 13.32 18.68 2.34
CA LEU A 388 13.42 17.47 1.54
C LEU A 388 12.50 17.61 0.32
N CYS A 389 13.07 17.47 -0.87
CA CYS A 389 12.34 17.61 -2.11
C CYS A 389 12.66 16.40 -2.97
N VAL A 390 11.66 15.91 -3.72
CA VAL A 390 11.84 14.73 -4.56
C VAL A 390 11.05 14.91 -5.84
N ARG A 391 11.42 14.12 -6.85
CA ARG A 391 10.80 14.14 -8.17
C ARG A 391 10.95 12.77 -8.80
N GLY A 392 9.85 12.27 -9.37
CA GLY A 392 9.86 10.96 -9.98
C GLY A 392 8.46 10.48 -10.32
N PRO A 393 8.39 9.32 -11.01
CA PRO A 393 7.12 8.86 -11.58
C PRO A 393 6.10 8.31 -10.58
N MET A 394 6.34 8.34 -9.27
CA MET A 394 5.29 7.92 -8.35
C MET A 394 4.56 9.10 -7.73
N ILE A 395 4.98 10.33 -8.03
CA ILE A 395 4.30 11.49 -7.48
C ILE A 395 2.86 11.50 -7.95
N MET A 396 1.95 11.81 -7.02
CA MET A 396 0.54 11.90 -7.36
C MET A 396 0.33 12.84 -8.53
N SER A 397 -0.81 12.72 -9.21
CA SER A 397 -1.15 13.68 -10.24
C SER A 397 -1.81 14.94 -9.67
N GLY A 398 -2.36 14.86 -8.47
CA GLY A 398 -2.95 16.03 -7.85
C GLY A 398 -3.97 15.63 -6.80
N TYR A 399 -4.38 16.63 -6.03
CA TYR A 399 -5.49 16.48 -5.09
C TYR A 399 -6.81 16.58 -5.81
N VAL A 400 -7.76 15.72 -5.43
CA VAL A 400 -9.08 15.67 -6.07
C VAL A 400 -9.80 17.00 -5.91
N ASN A 401 -9.93 17.74 -7.03
CA ASN A 401 -10.60 19.04 -7.05
C ASN A 401 -9.98 20.03 -6.05
N ASN A 402 -8.66 19.96 -5.90
CA ASN A 402 -7.92 20.92 -5.07
C ASN A 402 -6.64 21.31 -5.78
N PRO A 403 -6.75 22.10 -6.85
CA PRO A 403 -5.54 22.45 -7.62
C PRO A 403 -4.62 23.43 -6.91
N GLU A 404 -5.14 24.35 -6.10
CA GLU A 404 -4.25 25.26 -5.39
C GLU A 404 -3.45 24.51 -4.34
N ALA A 405 -4.08 23.56 -3.66
CA ALA A 405 -3.33 22.76 -2.70
C ALA A 405 -2.36 21.83 -3.42
N THR A 406 -2.64 21.47 -4.67
CA THR A 406 -1.63 20.76 -5.44
C THR A 406 -0.45 21.68 -5.74
N ASN A 407 -0.72 22.82 -6.38
CA ASN A 407 0.38 23.67 -6.83
C ASN A 407 1.16 24.28 -5.68
N ALA A 408 0.56 24.41 -4.51
CA ALA A 408 1.35 24.78 -3.34
C ALA A 408 2.29 23.69 -2.88
N LEU A 409 2.24 22.51 -3.51
CA LEU A 409 3.07 21.37 -3.12
C LEU A 409 4.13 21.01 -4.15
N ILE A 410 3.87 21.23 -5.43
CA ILE A 410 4.78 20.87 -6.51
C ILE A 410 4.98 22.09 -7.39
N ASP A 411 6.23 22.49 -7.61
CA ASP A 411 6.49 23.65 -8.45
C ASP A 411 6.21 23.29 -9.92
N LYS A 412 6.35 24.30 -10.79
CA LYS A 412 6.12 24.07 -12.21
C LYS A 412 7.10 23.06 -12.81
N ASP A 413 8.22 22.80 -12.12
CA ASP A 413 9.23 21.86 -12.59
C ASP A 413 9.07 20.45 -12.02
N GLY A 414 8.08 20.23 -11.16
CA GLY A 414 7.74 18.90 -10.70
C GLY A 414 8.42 18.39 -9.45
N TRP A 415 8.93 19.25 -8.59
CA TRP A 415 9.51 18.81 -7.33
C TRP A 415 8.43 18.77 -6.26
N LEU A 416 8.31 17.63 -5.57
CA LEU A 416 7.45 17.59 -4.41
C LEU A 416 8.21 18.09 -3.20
N HIS A 417 7.64 19.07 -2.52
CA HIS A 417 8.24 19.63 -1.31
C HIS A 417 7.67 18.86 -0.12
N SER A 418 8.47 17.96 0.44
CA SER A 418 8.03 17.13 1.56
C SER A 418 7.53 17.97 2.72
N GLY A 419 8.11 19.14 2.94
CA GLY A 419 7.85 19.81 4.18
C GLY A 419 8.60 19.21 5.34
N ASP A 420 9.48 18.27 5.07
CA ASP A 420 10.36 17.68 6.07
C ASP A 420 11.77 18.22 5.93
N ILE A 421 12.50 18.19 7.03
CA ILE A 421 13.89 18.60 7.07
C ILE A 421 14.75 17.34 7.00
N ALA A 422 15.75 17.37 6.13
CA ALA A 422 16.55 16.19 5.84
C ALA A 422 17.98 16.59 5.49
N TYR A 423 18.87 15.61 5.59
CA TYR A 423 20.21 15.70 5.04
C TYR A 423 20.59 14.33 4.53
N TRP A 424 21.55 14.30 3.60
CA TRP A 424 22.18 13.06 3.19
C TRP A 424 23.67 13.06 3.54
N ASP A 425 24.26 11.86 3.59
CA ASP A 425 25.62 11.78 4.10
C ASP A 425 26.59 11.38 2.97
N GLU A 426 27.78 10.91 3.35
CA GLU A 426 28.82 10.63 2.36
C GLU A 426 28.51 9.39 1.54
N ASP A 427 27.79 8.42 2.10
CA ASP A 427 27.35 7.25 1.35
C ASP A 427 25.98 7.44 0.72
N GLU A 428 25.43 8.65 0.81
CA GLU A 428 24.13 9.05 0.27
C GLU A 428 22.96 8.47 1.07
N HIS A 429 23.20 8.00 2.28
CA HIS A 429 22.09 7.68 3.18
C HIS A 429 21.41 8.97 3.61
N PHE A 430 20.08 8.95 3.59
CA PHE A 430 19.30 10.11 4.01
C PHE A 430 18.85 9.99 5.47
N PHE A 431 18.69 11.14 6.10
CA PHE A 431 18.30 11.24 7.51
C PHE A 431 17.21 12.27 7.61
N ILE A 432 16.11 11.94 8.26
CA ILE A 432 15.03 12.87 8.47
C ILE A 432 15.22 13.52 9.84
N VAL A 433 15.15 14.84 9.88
CA VAL A 433 15.29 15.61 11.12
C VAL A 433 13.90 15.88 11.68
N ASP A 434 13.65 15.49 12.92
CA ASP A 434 12.42 15.88 13.58
C ASP A 434 12.45 17.37 13.84
N ARG A 435 11.55 18.12 13.21
CA ARG A 435 11.12 19.39 13.77
C ARG A 435 10.17 19.07 14.91
N LEU A 436 10.21 19.85 15.97
CA LEU A 436 9.41 19.43 17.10
C LEU A 436 8.52 20.54 17.64
#